data_6X00
#
_entry.id   6X00
#
_cell.length_a   69.010
_cell.length_b   44.751
_cell.length_c   71.657
_cell.angle_alpha   90.000
_cell.angle_beta   98.450
_cell.angle_gamma   90.000
#
_symmetry.space_group_name_H-M   'P 1 21 1'
#
loop_
_entity.id
_entity.type
_entity.pdbx_description
1 polymer 'H-2 class I histocompatibility antigen, D-B alpha chain'
2 polymer Beta-2-microglobulin
3 polymer 'Epitope from Neuraminidase Protein (NA-181-191)'
4 non-polymer 'SULFATE ION'
5 water water
#
loop_
_entity_poly.entity_id
_entity_poly.type
_entity_poly.pdbx_seq_one_letter_code
_entity_poly.pdbx_strand_id
1 'polypeptide(L)'
;MGPHSMRYFETAVSRPGLEEPRYISVGYVDNKEFVRFDSDAENPRYEPRAPWMEQEGPEYWERETQKAKGQEQWFRVSLR
NLLGYYNQSAGGSHTLQQMSGCDLGSDWRLLRGYLQFAYEGRDYIALNEDLKTWTAADMAAQITRRKWEQSGAAEHYKAY
LEGECVEWLHRYLKNGNATLLRTDSPKAHVTHHPRSKGEVTLRCWALGFYPADITLTWQLNGEELTQDMELVETRPAGDG
TFQKWASVVVPLGKEQNYTCRVYHEGLPEPLTLRWEPPPST
;
A
2 'polypeptide(L)'
;MIQRTPKIQVYSRHPAENGKSNFLNCYVSGFHPSDIEVDLLKNGERIEKVEHSDLSFSKDWSFYLLYYTEFTPTEKDEYA
CRVNHVTLSQPKIVKWDRDM
;
B
3 'polypeptide(L)' SGPDNGAVAVL C
#
# COMPACT_ATOMS: atom_id res chain seq x y z
N MET A 1 -0.34 -14.35 -5.10
N MET A 1 -0.75 -15.11 -4.91
CA MET A 1 0.85 -15.06 -5.59
CA MET A 1 0.59 -15.43 -5.41
C MET A 1 1.95 -15.15 -4.52
C MET A 1 1.62 -15.44 -4.28
N GLY A 2 2.64 -16.29 -4.44
CA GLY A 2 3.77 -16.48 -3.54
C GLY A 2 3.43 -16.95 -2.15
N PRO A 3 4.38 -16.84 -1.20
CA PRO A 3 4.12 -17.34 0.16
C PRO A 3 3.00 -16.58 0.84
N HIS A 4 2.31 -17.24 1.73
CA HIS A 4 1.34 -16.56 2.59
C HIS A 4 2.10 -15.63 3.49
N SER A 5 1.51 -14.45 3.77
CA SER A 5 2.21 -13.49 4.61
C SER A 5 1.27 -12.76 5.55
N MET A 6 1.84 -12.27 6.64
CA MET A 6 1.15 -11.40 7.57
C MET A 6 2.06 -10.22 7.83
N ARG A 7 1.49 -9.02 7.87
CA ARG A 7 2.28 -7.84 8.18
C ARG A 7 1.54 -6.90 9.06
N TYR A 8 2.25 -6.18 9.96
CA TYR A 8 1.67 -5.09 10.73
C TYR A 8 2.50 -3.88 10.39
N PHE A 9 1.84 -2.86 9.87
CA PHE A 9 2.44 -1.56 9.51
C PHE A 9 1.96 -0.55 10.53
N GLU A 10 2.86 -0.02 11.38
CA GLU A 10 2.52 0.86 12.46
C GLU A 10 3.16 2.23 12.26
N THR A 11 2.43 3.29 12.55
CA THR A 11 2.93 4.65 12.41
C THR A 11 2.56 5.47 13.61
N ALA A 12 3.48 6.33 14.08
CA ALA A 12 3.16 7.35 15.07
C ALA A 12 3.62 8.68 14.51
N VAL A 13 2.73 9.66 14.55
CA VAL A 13 3.06 11.02 14.07
C VAL A 13 2.93 11.96 15.24
N SER A 14 4.01 12.68 15.59
CA SER A 14 3.94 13.61 16.72
C SER A 14 3.01 14.76 16.38
N ARG A 15 2.40 15.35 17.41
N ARG A 15 2.35 15.31 17.41
CA ARG A 15 1.48 16.45 17.24
CA ARG A 15 1.40 16.41 17.29
C ARG A 15 1.92 17.65 18.09
C ARG A 15 1.89 17.64 18.11
N PRO A 16 1.42 18.87 17.81
CA PRO A 16 1.91 20.05 18.55
C PRO A 16 1.43 20.14 20.00
N GLY A 17 2.12 20.99 20.77
CA GLY A 17 1.81 21.27 22.18
C GLY A 17 2.03 20.08 23.09
N LEU A 18 1.04 19.81 23.97
CA LEU A 18 1.07 18.69 24.92
C LEU A 18 0.31 17.46 24.35
N GLU A 19 -0.24 17.60 23.12
CA GLU A 19 -0.99 16.54 22.44
C GLU A 19 -0.08 15.32 22.20
N GLU A 20 -0.62 14.14 22.50
CA GLU A 20 0.10 12.88 22.31
C GLU A 20 0.15 12.56 20.79
N PRO A 21 1.08 11.69 20.33
CA PRO A 21 1.12 11.41 18.87
C PRO A 21 -0.11 10.66 18.37
N ARG A 22 -0.33 10.73 17.06
CA ARG A 22 -1.39 9.92 16.47
C ARG A 22 -0.75 8.58 16.15
N TYR A 23 -1.36 7.49 16.56
CA TYR A 23 -0.81 6.14 16.32
C TYR A 23 -1.82 5.31 15.53
N ILE A 24 -1.37 4.70 14.46
CA ILE A 24 -2.18 3.89 13.54
C ILE A 24 -1.48 2.58 13.30
N SER A 25 -2.18 1.47 13.49
CA SER A 25 -1.64 0.16 13.19
C SER A 25 -2.55 -0.54 12.18
N VAL A 26 -1.98 -1.05 11.10
CA VAL A 26 -2.74 -1.73 10.06
C VAL A 26 -2.16 -3.12 9.88
N GLY A 27 -3.02 -4.13 9.96
CA GLY A 27 -2.59 -5.50 9.72
C GLY A 27 -3.04 -5.97 8.33
N TYR A 28 -2.23 -6.83 7.68
CA TYR A 28 -2.51 -7.41 6.38
C TYR A 28 -2.31 -8.89 6.44
N VAL A 29 -3.18 -9.64 5.73
CA VAL A 29 -3.01 -11.07 5.49
C VAL A 29 -2.99 -11.20 3.97
N ASP A 30 -1.92 -11.76 3.43
CA ASP A 30 -1.76 -11.94 1.98
C ASP A 30 -2.03 -10.61 1.21
N ASN A 31 -1.47 -9.49 1.77
CA ASN A 31 -1.47 -8.15 1.17
C ASN A 31 -2.82 -7.48 1.17
N LYS A 32 -3.80 -8.02 1.92
CA LYS A 32 -5.10 -7.37 2.07
C LYS A 32 -5.31 -6.96 3.54
N GLU A 33 -5.67 -5.70 3.74
CA GLU A 33 -5.88 -5.19 5.08
C GLU A 33 -6.96 -6.04 5.81
N PHE A 34 -6.70 -6.45 7.07
CA PHE A 34 -7.70 -7.28 7.76
C PHE A 34 -8.05 -6.74 9.17
N VAL A 35 -7.20 -5.87 9.77
CA VAL A 35 -7.49 -5.20 11.03
C VAL A 35 -6.90 -3.80 11.01
N ARG A 36 -7.42 -2.91 11.85
CA ARG A 36 -6.86 -1.56 11.94
C ARG A 36 -7.17 -1.01 13.33
N PHE A 37 -6.20 -0.26 13.88
CA PHE A 37 -6.30 0.52 15.10
C PHE A 37 -5.92 1.94 14.77
N ASP A 38 -6.72 2.91 15.21
CA ASP A 38 -6.41 4.33 15.02
C ASP A 38 -6.73 5.07 16.31
N SER A 39 -5.71 5.68 16.90
CA SER A 39 -5.85 6.40 18.18
C SER A 39 -6.77 7.62 18.04
N ASP A 40 -7.03 8.10 16.81
CA ASP A 40 -7.89 9.29 16.58
C ASP A 40 -9.38 8.97 16.61
N ALA A 41 -9.75 7.68 16.58
CA ALA A 41 -11.14 7.25 16.62
C ALA A 41 -11.80 7.66 17.94
N GLU A 42 -13.15 7.86 17.93
CA GLU A 42 -13.95 8.23 19.12
C GLU A 42 -13.66 7.25 20.28
N ASN A 43 -13.76 5.93 19.99
CA ASN A 43 -13.41 4.86 20.92
C ASN A 43 -12.29 4.02 20.27
N PRO A 44 -10.98 4.29 20.56
CA PRO A 44 -9.93 3.54 19.85
C PRO A 44 -9.86 2.09 20.29
N ARG A 45 -10.01 1.22 19.29
CA ARG A 45 -9.95 -0.22 19.45
C ARG A 45 -9.49 -0.83 18.14
N TYR A 46 -8.91 -2.04 18.18
CA TYR A 46 -8.68 -2.74 16.93
C TYR A 46 -10.04 -3.10 16.37
N GLU A 47 -10.22 -2.95 15.06
CA GLU A 47 -11.50 -3.24 14.39
C GLU A 47 -11.29 -4.25 13.27
N PRO A 48 -12.27 -5.13 13.04
CA PRO A 48 -12.16 -6.06 11.90
C PRO A 48 -12.36 -5.29 10.60
N ARG A 49 -11.38 -5.35 9.69
CA ARG A 49 -11.46 -4.68 8.38
C ARG A 49 -11.84 -5.70 7.30
N ALA A 50 -11.43 -6.96 7.44
CA ALA A 50 -11.91 -8.06 6.60
C ALA A 50 -13.06 -8.65 7.40
N PRO A 51 -14.23 -8.85 6.77
CA PRO A 51 -15.40 -9.25 7.57
C PRO A 51 -15.29 -10.63 8.20
N TRP A 52 -14.44 -11.52 7.65
CA TRP A 52 -14.22 -12.86 8.21
C TRP A 52 -13.53 -12.78 9.60
N MET A 53 -12.93 -11.60 9.91
CA MET A 53 -12.35 -11.40 11.24
C MET A 53 -13.41 -11.32 12.33
N GLU A 54 -14.71 -11.18 11.93
CA GLU A 54 -15.78 -11.17 12.95
C GLU A 54 -16.01 -12.57 13.55
N GLN A 55 -15.24 -13.58 13.08
CA GLN A 55 -15.24 -14.90 13.71
C GLN A 55 -14.51 -14.81 15.07
N GLU A 56 -13.68 -13.76 15.27
CA GLU A 56 -13.00 -13.59 16.54
C GLU A 56 -13.93 -13.00 17.58
N GLY A 57 -13.91 -13.55 18.78
CA GLY A 57 -14.73 -13.08 19.89
C GLY A 57 -14.19 -11.86 20.61
N PRO A 58 -14.95 -11.37 21.63
CA PRO A 58 -14.57 -10.15 22.36
C PRO A 58 -13.20 -10.19 23.02
N GLU A 59 -12.78 -11.34 23.56
CA GLU A 59 -11.47 -11.46 24.24
C GLU A 59 -10.32 -11.13 23.27
N TYR A 60 -10.46 -11.55 21.98
CA TYR A 60 -9.46 -11.27 20.96
C TYR A 60 -9.30 -9.76 20.80
N TRP A 61 -10.43 -9.03 20.56
CA TRP A 61 -10.38 -7.60 20.32
C TRP A 61 -9.88 -6.86 21.56
N GLU A 62 -10.22 -7.33 22.78
CA GLU A 62 -9.72 -6.67 23.99
C GLU A 62 -8.21 -6.82 24.10
N ARG A 63 -7.71 -8.04 23.90
CA ARG A 63 -6.28 -8.34 23.99
C ARG A 63 -5.51 -7.49 22.97
N GLU A 64 -5.99 -7.47 21.70
CA GLU A 64 -5.27 -6.71 20.67
C GLU A 64 -5.31 -5.22 20.96
N THR A 65 -6.47 -4.71 21.44
CA THR A 65 -6.58 -3.29 21.78
C THR A 65 -5.62 -2.94 22.93
N GLN A 66 -5.50 -3.80 23.97
CA GLN A 66 -4.55 -3.54 25.07
C GLN A 66 -3.12 -3.46 24.52
N LYS A 67 -2.79 -4.32 23.54
CA LYS A 67 -1.47 -4.32 22.91
C LYS A 67 -1.23 -3.01 22.19
N ALA A 68 -2.23 -2.53 21.44
CA ALA A 68 -2.09 -1.25 20.74
C ALA A 68 -1.84 -0.11 21.74
N LYS A 69 -2.52 -0.16 22.93
CA LYS A 69 -2.28 0.89 23.93
C LYS A 69 -0.80 0.87 24.35
N GLY A 70 -0.22 -0.32 24.51
CA GLY A 70 1.19 -0.50 24.83
C GLY A 70 2.09 0.02 23.71
N GLN A 71 1.76 -0.32 22.44
CA GLN A 71 2.55 0.14 21.28
C GLN A 71 2.54 1.65 21.23
N GLU A 72 1.37 2.27 21.42
CA GLU A 72 1.26 3.73 21.36
C GLU A 72 2.27 4.39 22.33
N GLN A 73 2.39 3.85 23.56
CA GLN A 73 3.32 4.43 24.54
C GLN A 73 4.77 4.14 24.16
N TRP A 74 5.04 2.96 23.61
CA TRP A 74 6.39 2.61 23.13
C TRP A 74 6.82 3.59 22.02
N PHE A 75 5.89 3.90 21.10
CA PHE A 75 6.19 4.84 20.02
C PHE A 75 6.40 6.25 20.55
N ARG A 76 5.60 6.64 21.56
CA ARG A 76 5.69 7.99 22.12
C ARG A 76 7.06 8.21 22.77
N VAL A 77 7.50 7.26 23.58
CA VAL A 77 8.81 7.36 24.26
C VAL A 77 9.94 7.28 23.23
N SER A 78 9.79 6.39 22.25
CA SER A 78 10.80 6.25 21.21
C SER A 78 10.95 7.57 20.40
N LEU A 79 9.84 8.25 20.07
CA LEU A 79 9.88 9.53 19.35
C LEU A 79 10.65 10.56 20.16
N ARG A 80 10.38 10.57 21.50
CA ARG A 80 11.07 11.51 22.38
C ARG A 80 12.57 11.22 22.39
N ASN A 81 12.94 9.92 22.43
CA ASN A 81 14.35 9.58 22.41
C ASN A 81 15.03 10.01 21.11
N LEU A 82 14.35 9.78 19.98
CA LEU A 82 14.88 10.15 18.66
C LEU A 82 15.14 11.64 18.56
N LEU A 83 14.24 12.46 19.14
CA LEU A 83 14.36 13.92 19.13
C LEU A 83 15.74 14.32 19.74
N GLY A 84 16.13 13.66 20.82
CA GLY A 84 17.42 13.86 21.47
C GLY A 84 18.61 13.36 20.68
N TYR A 85 18.48 12.19 20.01
CA TYR A 85 19.57 11.66 19.21
C TYR A 85 19.93 12.57 18.03
N TYR A 86 18.93 13.18 17.39
CA TYR A 86 19.13 14.04 16.22
C TYR A 86 19.19 15.53 16.61
N ASN A 87 19.11 15.83 17.93
CA ASN A 87 19.10 17.18 18.52
C ASN A 87 18.08 18.08 17.75
N GLN A 88 16.82 17.60 17.65
CA GLN A 88 15.77 18.31 16.92
C GLN A 88 14.87 19.16 17.81
N SER A 89 14.12 20.09 17.19
CA SER A 89 13.21 20.97 17.91
C SER A 89 11.94 20.23 18.33
N ALA A 90 11.62 20.29 19.64
CA ALA A 90 10.45 19.68 20.29
C ALA A 90 9.17 20.42 19.94
N GLY A 91 8.04 19.75 20.10
CA GLY A 91 6.73 20.30 19.76
C GLY A 91 6.48 20.30 18.26
N GLY A 92 7.43 19.73 17.52
CA GLY A 92 7.38 19.67 16.06
C GLY A 92 6.67 18.42 15.55
N SER A 93 6.65 18.31 14.20
N SER A 93 6.52 18.27 14.19
CA SER A 93 6.09 17.24 13.36
CA SER A 93 5.84 17.09 13.59
C SER A 93 7.17 16.17 13.08
C SER A 93 6.85 16.08 12.93
N HIS A 94 6.97 14.91 13.57
CA HIS A 94 7.94 13.81 13.32
C HIS A 94 7.23 12.48 13.15
N THR A 95 7.78 11.57 12.30
CA THR A 95 7.13 10.29 12.01
C THR A 95 8.01 9.10 12.34
N LEU A 96 7.45 8.13 13.06
CA LEU A 96 8.13 6.87 13.41
C LEU A 96 7.27 5.74 12.84
N GLN A 97 7.88 4.82 12.10
CA GLN A 97 7.14 3.72 11.49
C GLN A 97 7.80 2.40 11.79
N GLN A 98 7.00 1.34 11.80
CA GLN A 98 7.49 -0.02 11.99
C GLN A 98 6.81 -0.93 11.01
N MET A 99 7.54 -1.87 10.47
CA MET A 99 6.98 -2.97 9.71
C MET A 99 7.40 -4.25 10.35
N SER A 100 6.46 -5.17 10.55
N SER A 100 6.45 -5.14 10.58
CA SER A 100 6.79 -6.47 11.11
CA SER A 100 6.75 -6.46 11.12
C SER A 100 5.92 -7.53 10.51
C SER A 100 5.96 -7.50 10.36
N GLY A 101 6.43 -8.73 10.39
CA GLY A 101 5.62 -9.78 9.82
C GLY A 101 6.39 -11.01 9.47
N CYS A 102 5.65 -11.97 8.91
CA CYS A 102 6.19 -13.27 8.58
C CYS A 102 5.66 -13.76 7.26
N ASP A 103 6.53 -14.46 6.53
CA ASP A 103 6.21 -15.23 5.33
C ASP A 103 6.24 -16.68 5.73
N LEU A 104 5.31 -17.50 5.22
CA LEU A 104 5.31 -18.91 5.62
C LEU A 104 5.90 -19.82 4.54
N GLY A 105 6.56 -20.89 5.01
CA GLY A 105 7.12 -21.93 4.15
C GLY A 105 6.18 -23.12 3.98
N SER A 106 6.57 -24.10 3.12
CA SER A 106 5.80 -25.31 2.78
C SER A 106 5.50 -26.24 3.98
N ASP A 107 6.13 -25.99 5.12
CA ASP A 107 5.95 -26.77 6.34
C ASP A 107 5.10 -25.98 7.34
N TRP A 108 4.48 -24.85 6.89
CA TRP A 108 3.70 -23.93 7.75
C TRP A 108 4.60 -23.25 8.81
N ARG A 109 5.93 -23.30 8.63
CA ARG A 109 6.88 -22.64 9.54
C ARG A 109 7.37 -21.31 8.93
N LEU A 110 8.10 -20.52 9.74
CA LEU A 110 8.64 -19.26 9.25
C LEU A 110 9.62 -19.48 8.08
N LEU A 111 9.39 -18.75 7.00
CA LEU A 111 10.25 -18.73 5.83
C LEU A 111 11.18 -17.51 5.93
N ARG A 112 10.58 -16.35 6.23
CA ARG A 112 11.31 -15.09 6.41
C ARG A 112 10.57 -14.24 7.42
N GLY A 113 11.31 -13.66 8.38
CA GLY A 113 10.76 -12.76 9.38
C GLY A 113 11.22 -11.35 9.10
N TYR A 114 10.36 -10.36 9.36
CA TYR A 114 10.60 -8.95 9.11
C TYR A 114 10.37 -8.13 10.35
N LEU A 115 11.32 -7.21 10.68
N LEU A 115 11.31 -7.23 10.63
CA LEU A 115 11.16 -6.33 11.85
CA LEU A 115 11.18 -6.31 11.74
C LEU A 115 12.03 -5.10 11.63
C LEU A 115 12.06 -5.14 11.40
N GLN A 116 11.44 -3.99 11.14
CA GLN A 116 12.23 -2.81 10.83
C GLN A 116 11.53 -1.54 11.16
N PHE A 117 12.32 -0.48 11.33
CA PHE A 117 11.86 0.84 11.71
C PHE A 117 12.39 1.91 10.79
N ALA A 118 11.62 3.01 10.69
CA ALA A 118 12.01 4.21 9.93
C ALA A 118 11.69 5.42 10.73
N TYR A 119 12.53 6.46 10.58
CA TYR A 119 12.28 7.75 11.21
C TYR A 119 12.27 8.77 10.10
N GLU A 120 11.23 9.63 10.06
CA GLU A 120 11.09 10.64 8.99
C GLU A 120 11.09 9.97 7.60
N GLY A 121 10.56 8.74 7.51
CA GLY A 121 10.45 7.99 6.25
C GLY A 121 11.73 7.38 5.75
N ARG A 122 12.80 7.39 6.58
CA ARG A 122 14.10 6.81 6.19
C ARG A 122 14.44 5.65 7.08
N ASP A 123 15.12 4.62 6.52
CA ASP A 123 15.51 3.49 7.35
C ASP A 123 16.22 3.96 8.63
N TYR A 124 15.92 3.32 9.75
CA TYR A 124 16.56 3.63 11.03
C TYR A 124 17.27 2.36 11.52
N ILE A 125 16.53 1.33 11.89
CA ILE A 125 17.16 0.09 12.36
C ILE A 125 16.32 -1.07 11.90
N ALA A 126 16.96 -2.17 11.54
CA ALA A 126 16.26 -3.36 11.03
C ALA A 126 16.90 -4.60 11.53
N LEU A 127 16.07 -5.60 11.78
CA LEU A 127 16.53 -6.94 12.14
C LEU A 127 16.93 -7.64 10.86
N ASN A 128 18.13 -8.27 10.88
CA ASN A 128 18.59 -8.97 9.69
C ASN A 128 17.87 -10.31 9.53
N GLU A 129 18.02 -10.95 8.33
CA GLU A 129 17.36 -12.22 8.00
C GLU A 129 17.70 -13.31 9.06
N ASP A 130 18.89 -13.21 9.71
CA ASP A 130 19.28 -14.19 10.72
C ASP A 130 18.45 -14.11 11.99
N LEU A 131 17.65 -13.01 12.16
CA LEU A 131 16.83 -12.75 13.36
C LEU A 131 17.72 -12.68 14.62
N LYS A 132 19.04 -12.33 14.41
CA LYS A 132 20.00 -12.23 15.52
C LYS A 132 20.75 -10.90 15.54
N THR A 133 21.06 -10.35 14.32
CA THR A 133 21.83 -9.12 14.22
C THR A 133 20.99 -8.00 13.64
N TRP A 134 21.47 -6.76 13.87
CA TRP A 134 20.80 -5.52 13.47
C TRP A 134 21.59 -4.72 12.46
N THR A 135 20.87 -4.10 11.52
CA THR A 135 21.42 -3.13 10.59
C THR A 135 20.97 -1.76 11.05
N ALA A 136 21.91 -0.95 11.51
CA ALA A 136 21.67 0.44 11.89
C ALA A 136 21.94 1.25 10.62
N ALA A 137 20.99 2.05 10.15
CA ALA A 137 21.12 2.72 8.87
C ALA A 137 21.93 3.99 8.93
N ASP A 138 22.02 4.63 10.10
CA ASP A 138 22.73 5.89 10.21
C ASP A 138 23.41 5.98 11.56
N MET A 139 23.97 7.17 11.87
CA MET A 139 24.71 7.28 13.09
C MET A 139 23.87 7.34 14.34
N ALA A 140 22.68 7.96 14.32
CA ALA A 140 21.84 7.96 15.53
C ALA A 140 21.41 6.51 15.88
N ALA A 141 21.09 5.70 14.84
CA ALA A 141 20.67 4.31 15.06
C ALA A 141 21.74 3.45 15.76
N GLN A 142 23.01 3.94 15.82
CA GLN A 142 24.05 3.19 16.51
C GLN A 142 23.80 3.16 18.01
N ILE A 143 23.16 4.20 18.52
CA ILE A 143 22.81 4.30 19.94
C ILE A 143 21.81 3.20 20.25
N THR A 144 20.73 3.12 19.43
CA THR A 144 19.72 2.07 19.64
C THR A 144 20.34 0.70 19.49
N ARG A 145 21.18 0.50 18.43
CA ARG A 145 21.76 -0.80 18.17
C ARG A 145 22.56 -1.29 19.39
N ARG A 146 23.42 -0.42 19.96
CA ARG A 146 24.19 -0.85 21.13
C ARG A 146 23.27 -1.27 22.28
N LYS A 147 22.21 -0.46 22.54
CA LYS A 147 21.28 -0.70 23.64
C LYS A 147 20.59 -2.04 23.44
N TRP A 148 20.13 -2.30 22.22
CA TRP A 148 19.38 -3.52 21.89
C TRP A 148 20.25 -4.76 21.83
N GLU A 149 21.52 -4.63 21.38
CA GLU A 149 22.45 -5.78 21.39
C GLU A 149 22.72 -6.19 22.85
N GLN A 150 22.92 -5.19 23.73
CA GLN A 150 23.21 -5.43 25.15
C GLN A 150 22.02 -6.02 25.91
N SER A 151 20.78 -5.58 25.61
CA SER A 151 19.55 -6.04 26.26
C SER A 151 18.94 -7.35 25.67
N GLY A 152 19.43 -7.78 24.51
CA GLY A 152 18.98 -8.98 23.83
C GLY A 152 17.60 -8.84 23.19
N ALA A 153 17.27 -7.63 22.74
CA ALA A 153 15.95 -7.34 22.12
C ALA A 153 15.66 -8.24 20.88
N ALA A 154 16.69 -8.63 20.09
CA ALA A 154 16.49 -9.51 18.91
C ALA A 154 15.82 -10.85 19.28
N GLU A 155 16.17 -11.42 20.44
CA GLU A 155 15.63 -12.72 20.88
C GLU A 155 14.12 -12.65 21.06
N HIS A 156 13.62 -11.53 21.59
CA HIS A 156 12.19 -11.30 21.81
C HIS A 156 11.44 -11.28 20.47
N TYR A 157 11.99 -10.53 19.49
CA TYR A 157 11.37 -10.44 18.17
C TYR A 157 11.46 -11.75 17.40
N LYS A 158 12.62 -12.45 17.46
CA LYS A 158 12.77 -13.76 16.83
C LYS A 158 11.66 -14.72 17.36
N ALA A 159 11.40 -14.72 18.69
CA ALA A 159 10.38 -15.61 19.30
C ALA A 159 8.99 -15.27 18.76
N TYR A 160 8.67 -13.96 18.63
CA TYR A 160 7.39 -13.56 18.08
C TYR A 160 7.27 -13.99 16.59
N LEU A 161 8.31 -13.76 15.82
CA LEU A 161 8.26 -14.04 14.38
C LEU A 161 8.15 -15.53 14.07
N GLU A 162 8.87 -16.38 14.82
CA GLU A 162 8.86 -17.82 14.58
C GLU A 162 7.65 -18.50 15.21
N GLY A 163 7.08 -17.88 16.23
CA GLY A 163 5.97 -18.43 17.00
C GLY A 163 4.61 -17.82 16.69
N GLU A 164 4.21 -16.83 17.47
CA GLU A 164 2.94 -16.12 17.36
C GLU A 164 2.61 -15.69 15.93
N CYS A 165 3.56 -15.02 15.25
CA CYS A 165 3.29 -14.52 13.91
C CYS A 165 2.79 -15.66 13.00
N VAL A 166 3.53 -16.77 12.96
CA VAL A 166 3.22 -17.93 12.14
C VAL A 166 1.89 -18.59 12.56
N GLU A 167 1.70 -18.76 13.88
CA GLU A 167 0.50 -19.42 14.41
C GLU A 167 -0.76 -18.61 14.11
N TRP A 168 -0.69 -17.28 14.31
CA TRP A 168 -1.89 -16.49 14.08
C TRP A 168 -2.15 -16.37 12.59
N LEU A 169 -1.10 -16.26 11.76
CA LEU A 169 -1.31 -16.21 10.31
C LEU A 169 -2.06 -17.48 9.84
N HIS A 170 -1.63 -18.66 10.31
CA HIS A 170 -2.28 -19.90 9.96
C HIS A 170 -3.76 -19.88 10.38
N ARG A 171 -4.06 -19.38 11.60
CA ARG A 171 -5.46 -19.28 12.07
C ARG A 171 -6.30 -18.35 11.14
N TYR A 172 -5.74 -17.18 10.79
CA TYR A 172 -6.46 -16.25 9.94
C TYR A 172 -6.70 -16.82 8.54
N LEU A 173 -5.71 -17.54 7.98
CA LEU A 173 -5.89 -18.15 6.65
C LEU A 173 -7.04 -19.15 6.68
N LYS A 174 -7.17 -19.88 7.81
CA LYS A 174 -8.25 -20.87 7.93
C LYS A 174 -9.60 -20.16 8.02
N ASN A 175 -9.71 -19.13 8.91
CA ASN A 175 -10.95 -18.38 9.10
C ASN A 175 -11.38 -17.59 7.85
N GLY A 176 -10.42 -17.05 7.12
CA GLY A 176 -10.71 -16.24 5.94
C GLY A 176 -10.79 -17.01 4.65
N ASN A 177 -10.65 -18.36 4.72
CA ASN A 177 -10.53 -19.22 3.55
C ASN A 177 -11.58 -18.96 2.47
N ALA A 178 -12.88 -18.88 2.82
CA ALA A 178 -13.92 -18.68 1.79
C ALA A 178 -13.67 -17.40 0.96
N THR A 179 -13.13 -16.34 1.59
CA THR A 179 -12.85 -15.10 0.90
C THR A 179 -11.50 -15.15 0.22
N LEU A 180 -10.48 -15.62 0.97
CA LEU A 180 -9.11 -15.64 0.49
C LEU A 180 -8.91 -16.53 -0.76
N LEU A 181 -9.78 -17.54 -0.98
CA LEU A 181 -9.68 -18.44 -2.15
C LEU A 181 -10.39 -17.87 -3.38
N ARG A 182 -11.29 -16.89 -3.19
CA ARG A 182 -12.02 -16.30 -4.29
C ARG A 182 -11.11 -15.33 -5.03
N THR A 183 -10.82 -15.63 -6.31
CA THR A 183 -10.01 -14.78 -7.17
C THR A 183 -10.92 -14.11 -8.21
N ASP A 184 -10.52 -12.92 -8.70
CA ASP A 184 -11.22 -12.22 -9.77
C ASP A 184 -10.27 -12.13 -10.92
N SER A 185 -10.60 -12.81 -12.01
CA SER A 185 -9.77 -12.81 -13.20
C SER A 185 -9.77 -11.46 -13.91
N PRO A 186 -8.64 -11.04 -14.49
CA PRO A 186 -8.67 -9.78 -15.27
C PRO A 186 -9.49 -9.91 -16.53
N LYS A 187 -10.23 -8.86 -16.89
CA LYS A 187 -10.94 -8.76 -18.16
C LYS A 187 -10.02 -7.90 -19.00
N ALA A 188 -9.59 -8.37 -20.17
CA ALA A 188 -8.61 -7.61 -20.91
C ALA A 188 -9.12 -7.15 -22.29
N HIS A 189 -8.56 -6.03 -22.76
CA HIS A 189 -8.89 -5.50 -24.08
C HIS A 189 -7.75 -4.65 -24.57
N VAL A 190 -7.65 -4.46 -25.90
CA VAL A 190 -6.59 -3.65 -26.47
C VAL A 190 -7.24 -2.42 -27.11
N THR A 191 -6.71 -1.22 -26.83
CA THR A 191 -7.17 0.03 -27.42
C THR A 191 -6.06 0.53 -28.36
N HIS A 192 -6.44 1.37 -29.34
CA HIS A 192 -5.59 1.88 -30.43
C HIS A 192 -5.62 3.40 -30.39
N HIS A 193 -4.44 4.05 -30.39
CA HIS A 193 -4.43 5.52 -30.27
C HIS A 193 -3.50 6.19 -31.28
N PRO A 194 -3.91 7.36 -31.85
CA PRO A 194 -3.01 8.13 -32.71
C PRO A 194 -1.75 8.52 -31.94
N ARG A 195 -0.58 8.32 -32.57
CA ARG A 195 0.70 8.62 -31.93
C ARG A 195 1.50 9.62 -32.76
N SER A 196 1.74 9.30 -34.03
CA SER A 196 2.50 10.14 -34.95
C SER A 196 2.17 9.75 -36.37
N LYS A 197 2.94 10.31 -37.32
CA LYS A 197 2.85 9.92 -38.72
C LYS A 197 3.55 8.57 -38.78
N GLY A 198 2.80 7.56 -39.18
CA GLY A 198 3.33 6.20 -39.26
C GLY A 198 3.34 5.39 -37.98
N GLU A 199 2.99 5.96 -36.82
CA GLU A 199 3.01 5.13 -35.60
C GLU A 199 1.69 5.18 -34.85
N VAL A 200 1.39 4.10 -34.15
CA VAL A 200 0.17 4.00 -33.35
C VAL A 200 0.55 3.41 -31.97
N THR A 201 -0.16 3.82 -30.92
CA THR A 201 0.02 3.21 -29.60
C THR A 201 -1.03 2.14 -29.42
N LEU A 202 -0.61 0.90 -29.04
CA LEU A 202 -1.55 -0.16 -28.68
C LEU A 202 -1.46 -0.28 -27.15
N ARG A 203 -2.59 -0.20 -26.45
CA ARG A 203 -2.58 -0.27 -24.98
C ARG A 203 -3.39 -1.46 -24.55
N CYS A 204 -2.73 -2.37 -23.81
CA CYS A 204 -3.37 -3.60 -23.32
C CYS A 204 -3.80 -3.37 -21.90
N TRP A 205 -5.11 -3.44 -21.67
CA TRP A 205 -5.71 -3.21 -20.38
C TRP A 205 -6.02 -4.51 -19.69
N ALA A 206 -5.79 -4.54 -18.37
CA ALA A 206 -6.22 -5.65 -17.52
C ALA A 206 -7.03 -4.99 -16.42
N LEU A 207 -8.34 -5.31 -16.37
CA LEU A 207 -9.21 -4.66 -15.37
C LEU A 207 -9.97 -5.63 -14.48
N GLY A 208 -10.23 -5.19 -13.26
CA GLY A 208 -11.07 -5.87 -12.29
C GLY A 208 -10.50 -7.16 -11.75
N PHE A 209 -9.18 -7.21 -11.58
CA PHE A 209 -8.55 -8.45 -11.08
C PHE A 209 -8.21 -8.40 -9.58
N TYR A 210 -8.17 -9.58 -8.98
CA TYR A 210 -7.79 -9.79 -7.59
C TYR A 210 -7.23 -11.20 -7.49
N PRO A 211 -6.07 -11.45 -6.84
CA PRO A 211 -5.17 -10.48 -6.18
C PRO A 211 -4.50 -9.51 -7.14
N ALA A 212 -3.75 -8.55 -6.57
CA ALA A 212 -3.06 -7.53 -7.34
C ALA A 212 -1.93 -8.08 -8.22
N ASP A 213 -1.39 -9.27 -7.91
CA ASP A 213 -0.24 -9.80 -8.65
C ASP A 213 -0.62 -10.10 -10.12
N ILE A 214 0.12 -9.51 -11.05
CA ILE A 214 -0.19 -9.70 -12.48
C ILE A 214 1.06 -9.45 -13.31
N THR A 215 1.09 -10.07 -14.51
CA THR A 215 2.13 -9.79 -15.48
C THR A 215 1.45 -9.43 -16.81
N LEU A 216 1.83 -8.29 -17.40
CA LEU A 216 1.37 -7.90 -18.74
C LEU A 216 2.55 -7.90 -19.66
N THR A 217 2.41 -8.54 -20.84
CA THR A 217 3.51 -8.56 -21.79
C THR A 217 2.99 -8.25 -23.18
N TRP A 218 3.88 -7.78 -24.05
CA TRP A 218 3.68 -7.55 -25.48
C TRP A 218 4.72 -8.30 -26.25
N GLN A 219 4.29 -8.98 -27.32
CA GLN A 219 5.19 -9.73 -28.20
C GLN A 219 5.02 -9.31 -29.66
N LEU A 220 6.11 -9.30 -30.41
CA LEU A 220 6.09 -9.04 -31.85
C LEU A 220 6.42 -10.35 -32.53
N ASN A 221 5.46 -10.90 -33.31
CA ASN A 221 5.54 -12.16 -34.05
C ASN A 221 5.94 -13.34 -33.11
N GLY A 222 5.50 -13.27 -31.84
CA GLY A 222 5.77 -14.28 -30.82
C GLY A 222 7.03 -14.08 -29.99
N GLU A 223 7.77 -12.98 -30.23
CA GLU A 223 9.02 -12.63 -29.52
C GLU A 223 8.77 -11.48 -28.56
N GLU A 224 9.32 -11.56 -27.32
CA GLU A 224 9.14 -10.55 -26.27
C GLU A 224 9.64 -9.16 -26.67
N LEU A 225 9.00 -8.10 -26.13
CA LEU A 225 9.31 -6.68 -26.34
C LEU A 225 9.63 -6.00 -25.00
N MET A 229 8.18 -0.47 -24.02
CA MET A 229 6.90 -0.78 -23.43
C MET A 229 6.66 0.11 -22.20
N GLU A 230 5.53 0.83 -22.18
CA GLU A 230 5.18 1.69 -21.05
C GLU A 230 4.24 0.92 -20.14
N LEU A 231 4.52 0.88 -18.86
CA LEU A 231 3.73 0.18 -17.85
C LEU A 231 3.28 1.19 -16.80
N VAL A 232 2.04 1.09 -16.35
CA VAL A 232 1.66 1.93 -15.20
C VAL A 232 1.73 1.06 -13.96
N GLU A 233 1.96 1.69 -12.82
CA GLU A 233 1.90 0.97 -11.55
C GLU A 233 0.47 0.41 -11.35
N THR A 234 0.36 -0.81 -10.82
CA THR A 234 -0.94 -1.43 -10.49
C THR A 234 -1.68 -0.50 -9.52
N ARG A 235 -2.98 -0.30 -9.80
CA ARG A 235 -3.76 0.74 -9.10
C ARG A 235 -5.13 0.17 -8.71
N PRO A 236 -5.64 0.62 -7.56
CA PRO A 236 -6.93 0.11 -7.09
C PRO A 236 -8.09 0.65 -7.91
N ALA A 237 -9.06 -0.21 -8.27
CA ALA A 237 -10.26 0.25 -9.00
C ALA A 237 -11.25 0.97 -8.06
N GLY A 238 -11.14 0.74 -6.75
CA GLY A 238 -12.03 1.33 -5.74
C GLY A 238 -13.08 0.36 -5.23
N ASP A 239 -13.14 -0.87 -5.81
CA ASP A 239 -14.13 -1.90 -5.45
C ASP A 239 -13.43 -3.16 -4.89
N GLY A 240 -12.15 -3.04 -4.58
CA GLY A 240 -11.38 -4.13 -4.02
C GLY A 240 -10.55 -4.85 -5.06
N THR A 241 -10.80 -4.54 -6.36
CA THR A 241 -10.03 -5.13 -7.47
C THR A 241 -9.03 -4.10 -7.99
N PHE A 242 -8.19 -4.55 -8.94
CA PHE A 242 -7.12 -3.72 -9.45
C PHE A 242 -7.14 -3.55 -10.94
N GLN A 243 -6.33 -2.60 -11.40
CA GLN A 243 -6.16 -2.30 -12.85
C GLN A 243 -4.69 -2.20 -13.18
N LYS A 244 -4.37 -2.43 -14.48
CA LYS A 244 -3.00 -2.19 -14.98
C LYS A 244 -3.10 -2.11 -16.48
N TRP A 245 -2.19 -1.39 -17.10
CA TRP A 245 -2.09 -1.44 -18.54
C TRP A 245 -0.65 -1.39 -18.96
N ALA A 246 -0.41 -1.89 -20.19
CA ALA A 246 0.91 -1.92 -20.82
C ALA A 246 0.73 -1.43 -22.26
N SER A 247 1.55 -0.48 -22.69
CA SER A 247 1.41 0.01 -24.06
C SER A 247 2.71 -0.05 -24.85
N VAL A 248 2.57 -0.15 -26.17
CA VAL A 248 3.70 -0.20 -27.10
C VAL A 248 3.41 0.70 -28.28
N VAL A 249 4.47 1.26 -28.89
CA VAL A 249 4.37 2.08 -30.09
C VAL A 249 4.70 1.16 -31.26
N VAL A 250 3.79 1.12 -32.22
CA VAL A 250 3.78 0.16 -33.31
C VAL A 250 3.67 0.88 -34.67
N PRO A 251 4.32 0.35 -35.73
CA PRO A 251 4.17 0.99 -37.05
C PRO A 251 2.76 0.78 -37.61
N LEU A 252 2.21 1.85 -38.23
CA LEU A 252 0.91 1.77 -38.88
C LEU A 252 0.94 0.65 -39.94
N GLY A 253 -0.06 -0.21 -39.91
CA GLY A 253 -0.21 -1.34 -40.82
C GLY A 253 0.33 -2.65 -40.27
N LYS A 254 1.00 -2.62 -39.10
CA LYS A 254 1.59 -3.85 -38.53
C LYS A 254 0.94 -4.22 -37.21
N GLU A 255 -0.20 -3.59 -36.87
CA GLU A 255 -0.88 -3.82 -35.58
C GLU A 255 -1.18 -5.29 -35.31
N GLN A 256 -1.57 -6.07 -36.37
CA GLN A 256 -1.93 -7.48 -36.21
C GLN A 256 -0.73 -8.37 -35.87
N ASN A 257 0.51 -7.86 -35.99
CA ASN A 257 1.73 -8.65 -35.70
C ASN A 257 2.04 -8.68 -34.18
N TYR A 258 1.30 -7.90 -33.37
CA TYR A 258 1.52 -7.75 -31.93
C TYR A 258 0.45 -8.44 -31.12
N THR A 259 0.87 -9.09 -30.02
CA THR A 259 -0.03 -9.79 -29.12
C THR A 259 0.27 -9.39 -27.69
N CYS A 260 -0.77 -9.21 -26.92
CA CYS A 260 -0.64 -8.96 -25.49
C CYS A 260 -0.93 -10.26 -24.78
N ARG A 261 -0.20 -10.56 -23.67
CA ARG A 261 -0.47 -11.75 -22.89
C ARG A 261 -0.60 -11.29 -21.45
N VAL A 262 -1.64 -11.78 -20.80
CA VAL A 262 -1.95 -11.43 -19.42
C VAL A 262 -1.83 -12.69 -18.59
N TYR A 263 -1.01 -12.62 -17.52
CA TYR A 263 -0.80 -13.75 -16.60
C TYR A 263 -1.38 -13.38 -15.25
N HIS A 264 -2.30 -14.19 -14.74
CA HIS A 264 -2.94 -13.95 -13.45
C HIS A 264 -3.41 -15.26 -12.85
N GLU A 265 -3.29 -15.41 -11.51
CA GLU A 265 -3.59 -16.70 -10.88
C GLU A 265 -5.07 -17.11 -10.98
N GLY A 266 -5.98 -16.16 -11.23
CA GLY A 266 -7.40 -16.49 -11.38
C GLY A 266 -7.73 -17.18 -12.69
N LEU A 267 -6.82 -17.08 -13.66
CA LEU A 267 -7.01 -17.62 -15.01
C LEU A 267 -6.60 -19.08 -15.09
N PRO A 268 -7.41 -19.97 -15.72
CA PRO A 268 -6.94 -21.36 -15.93
C PRO A 268 -5.68 -21.37 -16.80
N GLU A 269 -5.62 -20.43 -17.75
CA GLU A 269 -4.47 -20.29 -18.66
C GLU A 269 -4.27 -18.78 -19.01
N PRO A 270 -3.03 -18.32 -19.33
CA PRO A 270 -2.86 -16.90 -19.68
C PRO A 270 -3.71 -16.47 -20.85
N LEU A 271 -4.11 -15.19 -20.85
CA LEU A 271 -4.93 -14.64 -21.94
C LEU A 271 -4.05 -14.12 -23.04
N THR A 272 -4.42 -14.35 -24.28
CA THR A 272 -3.68 -13.80 -25.42
C THR A 272 -4.67 -13.00 -26.23
N LEU A 273 -4.32 -11.76 -26.57
CA LEU A 273 -5.25 -10.92 -27.31
C LEU A 273 -4.51 -9.96 -28.23
N ARG A 274 -5.25 -9.36 -29.15
CA ARG A 274 -4.66 -8.41 -30.09
C ARG A 274 -5.66 -7.31 -30.36
N TRP A 275 -5.20 -6.25 -31.02
CA TRP A 275 -6.05 -5.17 -31.49
C TRP A 275 -7.10 -5.76 -32.45
N GLU A 276 -8.40 -5.50 -32.19
CA GLU A 276 -9.51 -6.01 -32.98
C GLU A 276 -10.19 -4.83 -33.69
N PRO A 277 -9.75 -4.46 -34.93
CA PRO A 277 -10.38 -3.32 -35.61
C PRO A 277 -11.87 -3.56 -35.91
N ARG B 4 10.57 13.26 -1.68
CA ARG B 4 9.60 12.15 -1.87
C ARG B 4 8.24 12.72 -2.20
N THR B 5 8.12 13.24 -3.42
CA THR B 5 6.93 13.88 -3.90
C THR B 5 5.87 12.84 -4.24
N PRO B 6 4.60 13.22 -4.12
CA PRO B 6 3.54 12.27 -4.44
C PRO B 6 3.48 11.90 -5.92
N LYS B 7 3.25 10.61 -6.20
CA LYS B 7 2.98 10.10 -7.52
C LYS B 7 1.48 10.13 -7.68
N ILE B 8 0.99 10.43 -8.90
CA ILE B 8 -0.45 10.51 -9.09
C ILE B 8 -0.87 9.73 -10.31
N GLN B 9 -1.99 9.00 -10.19
CA GLN B 9 -2.72 8.44 -11.32
C GLN B 9 -4.16 8.86 -11.18
N VAL B 10 -4.76 9.38 -12.26
CA VAL B 10 -6.18 9.77 -12.29
C VAL B 10 -6.82 8.89 -13.34
N TYR B 11 -7.95 8.22 -12.99
CA TYR B 11 -8.53 7.25 -13.90
C TYR B 11 -9.92 6.91 -13.45
N SER B 12 -10.69 6.26 -14.35
CA SER B 12 -12.03 5.84 -13.98
C SER B 12 -12.05 4.39 -13.54
N ARG B 13 -13.06 4.04 -12.71
CA ARG B 13 -13.18 2.65 -12.24
C ARG B 13 -13.46 1.72 -13.43
N HIS B 14 -14.35 2.16 -14.33
CA HIS B 14 -14.72 1.38 -15.52
C HIS B 14 -14.33 2.13 -16.81
N PRO B 15 -14.14 1.44 -17.96
CA PRO B 15 -13.84 2.16 -19.21
C PRO B 15 -14.90 3.25 -19.46
N ALA B 16 -14.45 4.49 -19.68
CA ALA B 16 -15.41 5.59 -19.77
C ALA B 16 -16.26 5.54 -21.02
N GLU B 17 -17.55 5.91 -20.87
CA GLU B 17 -18.48 6.08 -22.00
C GLU B 17 -19.26 7.35 -21.69
N ASN B 18 -19.30 8.31 -22.62
CA ASN B 18 -20.01 9.59 -22.37
C ASN B 18 -21.46 9.32 -21.98
N GLY B 19 -21.88 9.93 -20.89
CA GLY B 19 -23.24 9.79 -20.40
C GLY B 19 -23.53 8.61 -19.49
N LYS B 20 -22.51 7.75 -19.23
CA LYS B 20 -22.68 6.59 -18.39
C LYS B 20 -22.01 6.79 -17.06
N SER B 21 -22.79 6.70 -15.98
CA SER B 21 -22.29 6.87 -14.61
C SER B 21 -21.11 5.95 -14.34
N ASN B 22 -20.11 6.51 -13.62
CA ASN B 22 -18.87 5.79 -13.33
C ASN B 22 -18.29 6.29 -12.00
N PHE B 23 -16.98 6.03 -11.76
CA PHE B 23 -16.29 6.54 -10.57
C PHE B 23 -14.98 7.11 -11.01
N LEU B 24 -14.66 8.31 -10.54
CA LEU B 24 -13.40 8.98 -10.83
C LEU B 24 -12.49 8.76 -9.65
N ASN B 25 -11.28 8.21 -9.90
CA ASN B 25 -10.26 7.91 -8.90
C ASN B 25 -9.03 8.74 -9.06
N CYS B 26 -8.46 9.11 -7.92
CA CYS B 26 -7.13 9.70 -7.88
C CYS B 26 -6.35 8.93 -6.86
N TYR B 27 -5.34 8.18 -7.34
CA TYR B 27 -4.51 7.32 -6.53
C TYR B 27 -3.21 8.09 -6.31
N VAL B 28 -2.96 8.47 -5.07
CA VAL B 28 -1.79 9.27 -4.70
C VAL B 28 -0.88 8.38 -3.84
N SER B 29 0.39 8.25 -4.23
CA SER B 29 1.28 7.34 -3.50
C SER B 29 2.71 7.82 -3.50
N GLY B 30 3.57 7.12 -2.77
CA GLY B 30 4.99 7.43 -2.74
C GLY B 30 5.37 8.71 -2.03
N PHE B 31 4.48 9.21 -1.15
CA PHE B 31 4.75 10.48 -0.48
C PHE B 31 5.09 10.32 1.01
N HIS B 32 5.81 11.31 1.52
CA HIS B 32 6.20 11.36 2.92
C HIS B 32 6.56 12.82 3.21
N PRO B 33 6.05 13.43 4.31
CA PRO B 33 5.20 12.87 5.39
C PRO B 33 3.76 12.57 4.96
N SER B 34 2.98 12.04 5.92
CA SER B 34 1.63 11.54 5.64
C SER B 34 0.57 12.58 5.40
N ASP B 35 0.75 13.82 5.90
CA ASP B 35 -0.30 14.83 5.72
C ASP B 35 -0.30 15.26 4.25
N ILE B 36 -1.50 15.38 3.68
CA ILE B 36 -1.64 15.71 2.25
C ILE B 36 -3.03 16.29 1.99
N GLU B 37 -3.14 17.13 0.97
CA GLU B 37 -4.42 17.64 0.53
C GLU B 37 -4.65 17.16 -0.90
N VAL B 38 -5.76 16.43 -1.12
CA VAL B 38 -6.04 15.95 -2.45
C VAL B 38 -7.43 16.39 -2.80
N ASP B 39 -7.58 17.01 -3.99
CA ASP B 39 -8.89 17.42 -4.44
C ASP B 39 -9.17 16.92 -5.84
N LEU B 40 -10.42 16.55 -6.10
CA LEU B 40 -10.88 16.24 -7.46
C LEU B 40 -11.52 17.51 -7.97
N LEU B 41 -11.20 17.89 -9.21
CA LEU B 41 -11.69 19.15 -9.81
C LEU B 41 -12.59 18.85 -10.97
N LYS B 42 -13.67 19.66 -11.12
CA LYS B 42 -14.57 19.60 -12.28
C LYS B 42 -14.52 21.01 -12.89
N ASN B 43 -13.98 21.12 -14.11
CA ASN B 43 -13.81 22.43 -14.77
C ASN B 43 -13.12 23.45 -13.81
N GLY B 44 -12.06 22.99 -13.13
CA GLY B 44 -11.25 23.82 -12.24
C GLY B 44 -11.76 24.07 -10.84
N GLU B 45 -12.95 23.57 -10.54
CA GLU B 45 -13.56 23.77 -9.24
C GLU B 45 -13.56 22.51 -8.43
N ARG B 46 -13.26 22.65 -7.14
CA ARG B 46 -13.21 21.53 -6.23
C ARG B 46 -14.57 20.84 -6.09
N ILE B 47 -14.58 19.49 -6.17
CA ILE B 47 -15.77 18.67 -5.95
C ILE B 47 -15.90 18.43 -4.45
N GLU B 48 -17.08 18.71 -3.88
CA GLU B 48 -17.29 18.48 -2.45
C GLU B 48 -17.65 17.00 -2.19
N LYS B 49 -17.54 16.55 -0.94
CA LYS B 49 -17.95 15.19 -0.51
C LYS B 49 -17.21 14.03 -1.21
N VAL B 50 -15.97 14.28 -1.68
CA VAL B 50 -15.13 13.25 -2.28
C VAL B 50 -14.75 12.31 -1.13
N GLU B 51 -14.76 11.00 -1.38
CA GLU B 51 -14.42 10.02 -0.35
C GLU B 51 -12.95 9.61 -0.49
N HIS B 52 -12.37 9.13 0.61
CA HIS B 52 -10.99 8.66 0.49
C HIS B 52 -10.73 7.49 1.38
N SER B 53 -9.72 6.70 1.01
CA SER B 53 -9.33 5.55 1.82
C SER B 53 -8.62 6.03 3.10
N ASP B 54 -8.45 5.12 4.08
CA ASP B 54 -7.71 5.43 5.30
C ASP B 54 -6.22 5.35 5.05
N LEU B 55 -5.46 5.99 5.92
CA LEU B 55 -4.01 6.09 5.73
C LEU B 55 -3.32 4.70 5.71
N SER B 56 -2.50 4.47 4.67
CA SER B 56 -1.72 3.24 4.51
C SER B 56 -0.32 3.57 4.03
N PHE B 57 0.62 2.67 4.28
CA PHE B 57 1.96 2.92 3.77
C PHE B 57 2.53 1.62 3.20
N SER B 58 3.49 1.79 2.27
CA SER B 58 4.13 0.74 1.49
C SER B 58 5.44 0.25 2.15
N LYS B 59 5.97 -0.87 1.61
CA LYS B 59 7.23 -1.50 2.01
C LYS B 59 8.43 -0.51 2.01
N ASP B 60 8.38 0.56 1.17
CA ASP B 60 9.43 1.56 1.12
C ASP B 60 9.15 2.73 2.08
N TRP B 61 8.14 2.58 2.97
CA TRP B 61 7.73 3.53 4.04
C TRP B 61 6.81 4.64 3.53
N SER B 62 6.67 4.79 2.19
CA SER B 62 5.87 5.92 1.68
C SER B 62 4.36 5.66 1.79
N PHE B 63 3.56 6.71 2.00
CA PHE B 63 2.14 6.60 2.17
C PHE B 63 1.38 6.56 0.82
N TYR B 64 0.12 6.06 0.87
CA TYR B 64 -0.72 6.03 -0.32
C TYR B 64 -2.16 6.14 0.08
N LEU B 65 -2.96 6.80 -0.77
CA LEU B 65 -4.38 7.05 -0.54
C LEU B 65 -5.10 6.99 -1.86
N LEU B 66 -6.38 6.60 -1.81
CA LEU B 66 -7.25 6.65 -2.97
C LEU B 66 -8.36 7.65 -2.67
N TYR B 67 -8.56 8.64 -3.55
CA TYR B 67 -9.68 9.60 -3.47
C TYR B 67 -10.60 9.25 -4.60
N TYR B 68 -11.92 9.32 -4.37
CA TYR B 68 -12.84 8.92 -5.42
C TYR B 68 -14.20 9.57 -5.23
N THR B 69 -14.91 9.68 -6.35
CA THR B 69 -16.29 10.18 -6.37
C THR B 69 -17.02 9.60 -7.55
N GLU B 70 -18.36 9.52 -7.45
CA GLU B 70 -19.17 9.13 -8.57
C GLU B 70 -19.14 10.24 -9.59
N PHE B 71 -19.11 9.91 -10.88
CA PHE B 71 -19.18 10.99 -11.88
C PHE B 71 -19.71 10.42 -13.19
N THR B 72 -20.11 11.30 -14.10
CA THR B 72 -20.53 10.85 -15.42
C THR B 72 -19.64 11.50 -16.48
N PRO B 73 -18.77 10.73 -17.15
CA PRO B 73 -17.94 11.33 -18.21
C PRO B 73 -18.79 11.99 -19.30
N THR B 74 -18.29 13.13 -19.77
CA THR B 74 -18.91 13.87 -20.88
C THR B 74 -17.84 14.26 -21.86
N GLU B 75 -18.27 14.74 -23.03
CA GLU B 75 -17.32 15.21 -24.04
C GLU B 75 -16.48 16.41 -23.53
N LYS B 76 -17.12 17.46 -22.97
CA LYS B 76 -16.51 18.75 -22.65
C LYS B 76 -16.04 18.95 -21.20
N ASP B 77 -16.69 18.32 -20.21
CA ASP B 77 -16.25 18.51 -18.82
C ASP B 77 -14.82 18.04 -18.61
N GLU B 78 -14.02 18.90 -17.96
CA GLU B 78 -12.62 18.64 -17.71
C GLU B 78 -12.47 18.22 -16.27
N TYR B 79 -12.02 16.98 -16.02
CA TYR B 79 -11.79 16.48 -14.66
C TYR B 79 -10.31 16.39 -14.39
N ALA B 80 -9.90 16.62 -13.16
CA ALA B 80 -8.50 16.60 -12.81
C ALA B 80 -8.36 16.23 -11.36
N CYS B 81 -7.14 15.90 -10.97
CA CYS B 81 -6.78 15.68 -9.57
C CYS B 81 -5.74 16.73 -9.19
N ARG B 82 -5.96 17.43 -8.06
CA ARG B 82 -5.04 18.45 -7.57
C ARG B 82 -4.45 18.02 -6.23
N VAL B 83 -3.12 17.96 -6.15
CA VAL B 83 -2.45 17.54 -4.93
C VAL B 83 -1.59 18.67 -4.35
N ASN B 84 -1.75 18.91 -3.07
CA ASN B 84 -0.89 19.86 -2.35
C ASN B 84 -0.18 19.08 -1.27
N HIS B 85 1.15 19.22 -1.17
CA HIS B 85 1.96 18.46 -0.24
C HIS B 85 3.22 19.26 0.07
N VAL B 86 3.74 19.14 1.30
CA VAL B 86 4.91 19.93 1.72
C VAL B 86 6.15 19.70 0.81
N THR B 87 6.26 18.53 0.14
CA THR B 87 7.41 18.28 -0.75
C THR B 87 7.28 19.01 -2.12
N LEU B 88 6.09 19.55 -2.44
CA LEU B 88 5.84 20.23 -3.72
C LEU B 88 6.07 21.73 -3.58
N SER B 89 6.62 22.36 -4.62
CA SER B 89 6.84 23.81 -4.58
C SER B 89 5.53 24.55 -5.00
N GLN B 90 4.56 23.80 -5.52
CA GLN B 90 3.31 24.36 -6.04
C GLN B 90 2.28 23.25 -6.16
N PRO B 91 0.99 23.55 -6.34
CA PRO B 91 -0.01 22.45 -6.53
C PRO B 91 0.34 21.60 -7.74
N LYS B 92 0.13 20.28 -7.65
CA LYS B 92 0.38 19.38 -8.76
C LYS B 92 -1.01 19.00 -9.32
N ILE B 93 -1.26 19.30 -10.59
CA ILE B 93 -2.53 19.03 -11.25
C ILE B 93 -2.31 18.03 -12.36
N VAL B 94 -3.08 16.92 -12.32
CA VAL B 94 -3.03 15.86 -13.33
C VAL B 94 -4.45 15.72 -13.90
N LYS B 95 -4.57 15.94 -15.21
CA LYS B 95 -5.88 15.85 -15.86
C LYS B 95 -6.31 14.40 -16.03
N TRP B 96 -7.62 14.14 -15.93
CA TRP B 96 -8.12 12.81 -16.24
C TRP B 96 -8.15 12.68 -17.78
N ASP B 97 -7.59 11.59 -18.28
CA ASP B 97 -7.59 11.20 -19.68
C ASP B 97 -8.13 9.78 -19.74
N ARG B 98 -9.32 9.62 -20.32
CA ARG B 98 -9.99 8.32 -20.39
C ARG B 98 -9.17 7.23 -21.08
N ASP B 99 -8.15 7.59 -21.85
CA ASP B 99 -7.30 6.61 -22.52
C ASP B 99 -6.13 6.10 -21.66
N MET B 100 -6.03 6.61 -20.42
N MET B 100 -5.99 6.57 -20.40
CA MET B 100 -4.98 6.31 -19.45
CA MET B 100 -4.82 6.17 -19.58
C MET B 100 -5.61 5.94 -18.08
C MET B 100 -5.13 5.73 -18.13
N SER C 1 -2.11 -11.22 14.79
CA SER C 1 -1.77 -10.71 16.12
C SER C 1 -0.45 -9.94 16.02
N GLY C 2 -0.48 -8.63 16.25
CA GLY C 2 0.69 -7.79 16.08
C GLY C 2 1.80 -7.97 17.10
N PRO C 3 2.99 -7.39 16.85
CA PRO C 3 4.09 -7.48 17.82
C PRO C 3 3.82 -6.65 19.08
N ASP C 4 4.52 -7.02 20.15
CA ASP C 4 4.51 -6.32 21.42
C ASP C 4 5.93 -5.85 21.63
N ASN C 5 6.21 -4.57 21.36
CA ASN C 5 7.57 -4.06 21.54
C ASN C 5 7.84 -3.77 23.02
N GLY C 6 6.77 -3.56 23.79
CA GLY C 6 6.79 -3.16 25.21
C GLY C 6 7.62 -4.03 26.13
N ALA C 7 7.69 -5.33 25.83
CA ALA C 7 8.48 -6.29 26.59
C ALA C 7 9.98 -6.05 26.36
N VAL C 8 10.34 -5.22 25.33
CA VAL C 8 11.74 -4.93 25.04
C VAL C 8 11.98 -3.40 24.97
N ALA C 9 13.26 -3.03 24.86
CA ALA C 9 13.66 -1.64 24.91
C ALA C 9 13.03 -0.73 23.84
N VAL C 10 12.84 0.52 24.23
CA VAL C 10 12.43 1.59 23.33
C VAL C 10 13.65 1.97 22.45
N LEU C 11 13.45 2.74 21.37
CA LEU C 11 14.60 3.16 20.56
C LEU C 11 15.54 4.04 21.39
#